data_6WII
#
_entry.id   6WII
#
_cell.length_a   105.710
_cell.length_b   105.710
_cell.length_c   53.650
_cell.angle_alpha   90.000
_cell.angle_beta   90.000
_cell.angle_gamma   120.000
#
_symmetry.space_group_name_H-M   'P 32 2 1'
#
loop_
_entity.id
_entity.type
_entity.pdbx_description
1 polymer 'UDP-2,3-diacylglucosamine hydrolase'
2 non-polymer 5-({[4-({4-[3-chloro-5-(trifluoromethyl)phenyl]piperazin-1-yl}sulfonyl)phenyl]carbamoyl}amino)-N-hydroxypentanamide
3 non-polymer 'MANGANESE (II) ION'
4 non-polymer 'DIMETHYL SULFOXIDE'
5 non-polymer GLYCEROL
6 water water
#
_entity_poly.entity_id   1
_entity_poly.type   'polypeptide(L)'
_entity_poly.pdbx_seq_one_letter_code
;MATLFIADLHLQTEEPAITAGFLRFLQGEARQADALYILGDLFEAWIGDDDPNPLHQQIASAIKAVVDAGVPCYFIHGNR
DFLVGQRFARQSGMILLAEEERLDLYGREVLIMHGDTLCTDDQGYLAFRAKVHTPWIQRLFLALPLFIRHRIAARMRADS
KAANSSKSMEIMDVNPQAVVDAMERHHVQWLIHGHTHRPAVHELQANGQPAWRVVLGAWHSEGSMVKVTPDDVELIHFPF
LEENLYFQSHHHHHHHHHH
;
_entity_poly.pdbx_strand_id   A
#
# COMPACT_ATOMS: atom_id res chain seq x y z
N ALA A 2 14.94 -9.18 8.02
CA ALA A 2 13.63 -8.58 8.28
C ALA A 2 12.84 -8.31 7.00
N THR A 3 11.53 -8.42 7.09
CA THR A 3 10.64 -8.15 5.97
C THR A 3 9.82 -6.91 6.32
N LEU A 4 9.75 -5.96 5.38
CA LEU A 4 9.13 -4.66 5.64
C LEU A 4 7.80 -4.55 4.93
N PHE A 5 6.85 -3.86 5.58
CA PHE A 5 5.52 -3.60 5.04
C PHE A 5 5.22 -2.11 5.19
N ILE A 6 4.75 -1.50 4.11
CA ILE A 6 4.30 -0.11 4.15
C ILE A 6 3.00 -0.03 3.35
N ALA A 7 2.25 1.04 3.58
CA ALA A 7 1.02 1.26 2.83
C ALA A 7 0.59 2.71 3.05
N ASP A 8 -0.37 3.14 2.23
CA ASP A 8 -1.05 4.40 2.47
C ASP A 8 -0.07 5.59 2.50
N LEU A 9 0.86 5.59 1.57
CA LEU A 9 1.71 6.75 1.36
C LEU A 9 0.95 7.87 0.65
N HIS A 10 0.03 7.52 -0.26
CA HIS A 10 -0.74 8.51 -1.03
C HIS A 10 0.17 9.54 -1.68
N LEU A 11 1.24 9.06 -2.33
CA LEU A 11 2.18 9.95 -3.00
C LEU A 11 1.48 10.82 -4.05
N GLN A 12 1.92 12.08 -4.15
CA GLN A 12 1.35 13.01 -5.10
C GLN A 12 2.28 14.21 -5.22
N THR A 13 2.25 14.86 -6.38
CA THR A 13 3.25 15.90 -6.61
C THR A 13 3.04 17.08 -5.67
N GLU A 14 1.81 17.26 -5.17
CA GLU A 14 1.55 18.35 -4.23
C GLU A 14 2.09 18.08 -2.84
N GLU A 15 2.60 16.89 -2.55
CA GLU A 15 3.14 16.56 -1.23
C GLU A 15 4.58 16.05 -1.37
N PRO A 16 5.50 16.92 -1.78
CA PRO A 16 6.88 16.46 -2.03
C PRO A 16 7.59 15.97 -0.77
N ALA A 17 7.19 16.41 0.42
CA ALA A 17 7.83 15.91 1.64
C ALA A 17 7.64 14.41 1.81
N ILE A 18 6.45 13.90 1.50
CA ILE A 18 6.22 12.46 1.59
C ILE A 18 7.08 11.72 0.59
N THR A 19 7.12 12.22 -0.66
CA THR A 19 7.97 11.63 -1.68
C THR A 19 9.42 11.57 -1.21
N ALA A 20 9.92 12.69 -0.70
CA ALA A 20 11.30 12.71 -0.19
C ALA A 20 11.49 11.70 0.93
N GLY A 21 10.52 11.60 1.83
CA GLY A 21 10.61 10.61 2.88
C GLY A 21 10.62 9.19 2.35
N PHE A 22 9.82 8.92 1.31
CA PHE A 22 9.83 7.59 0.74
C PHE A 22 11.13 7.30 0.03
N LEU A 23 11.65 8.28 -0.70
CA LEU A 23 12.96 8.09 -1.36
C LEU A 23 14.06 7.83 -0.34
N ARG A 24 14.01 8.54 0.80
CA ARG A 24 15.01 8.29 1.85
C ARG A 24 14.85 6.88 2.42
N PHE A 25 13.60 6.45 2.64
CA PHE A 25 13.30 5.09 3.08
C PHE A 25 13.84 4.05 2.12
N LEU A 26 13.68 4.27 0.81
CA LEU A 26 14.13 3.30 -0.17
C LEU A 26 15.64 3.25 -0.26
N GLN A 27 16.30 4.39 -0.05
CA GLN A 27 17.75 4.44 -0.12
C GLN A 27 18.42 3.87 1.12
N GLY A 28 17.69 3.80 2.23
CA GLY A 28 18.28 3.36 3.48
C GLY A 28 17.73 2.03 3.94
N GLU A 29 16.66 2.12 4.73
CA GLU A 29 16.08 0.96 5.39
C GLU A 29 15.75 -0.17 4.42
N ALA A 30 15.12 0.17 3.29
CA ALA A 30 14.66 -0.87 2.38
C ALA A 30 15.80 -1.71 1.85
N ARG A 31 17.00 -1.12 1.73
CA ARG A 31 18.10 -1.85 1.10
C ARG A 31 18.58 -3.01 1.96
N GLN A 32 18.32 -2.95 3.26
CA GLN A 32 18.73 -3.99 4.20
C GLN A 32 17.67 -5.06 4.40
N ALA A 33 16.52 -4.94 3.74
CA ALA A 33 15.40 -5.82 3.98
C ALA A 33 15.55 -7.12 3.18
N ASP A 34 14.89 -8.18 3.68
CA ASP A 34 14.73 -9.40 2.89
C ASP A 34 13.73 -9.22 1.77
N ALA A 35 12.73 -8.36 1.96
CA ALA A 35 11.68 -8.09 0.99
C ALA A 35 10.92 -6.87 1.48
N LEU A 36 10.29 -6.18 0.54
CA LEU A 36 9.47 -5.02 0.82
C LEU A 36 8.10 -5.25 0.19
N TYR A 37 7.05 -5.16 1.02
CA TYR A 37 5.68 -5.29 0.57
C TYR A 37 5.00 -3.95 0.71
N ILE A 38 4.40 -3.48 -0.37
CA ILE A 38 3.64 -2.23 -0.38
C ILE A 38 2.17 -2.63 -0.47
N LEU A 39 1.43 -2.44 0.62
CA LEU A 39 0.05 -2.93 0.73
C LEU A 39 -0.98 -1.90 0.30
N GLY A 40 -0.76 -1.26 -0.84
CA GLY A 40 -1.78 -0.44 -1.47
C GLY A 40 -1.72 1.02 -1.08
N ASP A 41 -2.33 1.85 -1.93
CA ASP A 41 -2.37 3.30 -1.75
C ASP A 41 -0.97 3.86 -1.69
N LEU A 42 -0.11 3.33 -2.56
CA LEU A 42 1.20 3.94 -2.75
C LEU A 42 1.03 5.32 -3.37
N PHE A 43 0.08 5.45 -4.30
CA PHE A 43 -0.21 6.71 -4.94
C PHE A 43 -1.58 7.22 -4.53
N GLU A 44 -1.71 8.54 -4.49
CA GLU A 44 -2.99 9.17 -4.19
C GLU A 44 -4.01 8.92 -5.29
N ALA A 45 -3.56 8.71 -6.51
CA ALA A 45 -4.46 8.44 -7.61
C ALA A 45 -3.69 7.69 -8.67
N TRP A 46 -4.43 6.98 -9.54
CA TRP A 46 -3.81 6.33 -10.68
C TRP A 46 -4.86 6.19 -11.76
N ILE A 47 -4.55 6.68 -12.96
CA ILE A 47 -5.50 6.58 -14.06
C ILE A 47 -4.99 5.70 -15.19
N GLY A 48 -3.88 5.01 -14.97
CA GLY A 48 -3.33 4.07 -15.95
C GLY A 48 -1.82 4.23 -16.08
N ASP A 49 -1.16 3.15 -16.50
CA ASP A 49 0.29 3.14 -16.56
C ASP A 49 0.86 4.02 -17.67
N ASP A 50 0.02 4.46 -18.61
CA ASP A 50 0.49 5.34 -19.69
C ASP A 50 0.55 6.80 -19.27
N ASP A 51 0.16 7.12 -18.06
CA ASP A 51 0.23 8.46 -17.52
C ASP A 51 1.67 8.95 -17.46
N PRO A 52 2.01 10.07 -18.08
CA PRO A 52 3.38 10.55 -18.11
C PRO A 52 3.80 11.35 -16.88
N ASN A 53 2.95 11.42 -15.86
CA ASN A 53 3.29 12.06 -14.58
C ASN A 53 4.72 11.73 -14.17
N PRO A 54 5.60 12.73 -14.10
CA PRO A 54 7.01 12.44 -13.79
C PRO A 54 7.21 11.77 -12.44
N LEU A 55 6.34 12.05 -11.46
CA LEU A 55 6.44 11.37 -10.18
C LEU A 55 6.42 9.86 -10.34
N HIS A 56 5.60 9.36 -11.26
CA HIS A 56 5.54 7.91 -11.45
C HIS A 56 6.89 7.33 -11.85
N GLN A 57 7.59 7.98 -12.78
CA GLN A 57 8.88 7.48 -13.22
C GLN A 57 9.94 7.63 -12.13
N GLN A 58 9.87 8.71 -11.35
N GLN A 58 9.90 8.75 -11.39
CA GLN A 58 10.82 8.92 -10.27
CA GLN A 58 10.79 8.93 -10.26
C GLN A 58 10.63 7.90 -9.15
C GLN A 58 10.62 7.79 -9.26
N ILE A 59 9.39 7.49 -8.90
CA ILE A 59 9.14 6.43 -7.92
C ILE A 59 9.54 5.09 -8.50
N ALA A 60 9.20 4.83 -9.78
CA ALA A 60 9.55 3.55 -10.38
C ALA A 60 11.05 3.34 -10.36
N SER A 61 11.83 4.38 -10.68
N SER A 61 11.82 4.39 -10.69
N SER A 61 11.83 4.38 -10.68
CA SER A 61 13.28 4.27 -10.70
CA SER A 61 13.28 4.26 -10.69
CA SER A 61 13.28 4.22 -10.69
C SER A 61 13.81 4.01 -9.29
C SER A 61 13.81 3.99 -9.28
C SER A 61 13.84 4.03 -9.29
N ALA A 62 13.24 4.66 -8.29
CA ALA A 62 13.72 4.48 -6.92
C ALA A 62 13.44 3.07 -6.42
N ILE A 63 12.24 2.56 -6.70
CA ILE A 63 11.92 1.19 -6.32
C ILE A 63 12.79 0.21 -7.09
N LYS A 64 13.01 0.48 -8.38
CA LYS A 64 13.82 -0.43 -9.18
C LYS A 64 15.23 -0.54 -8.63
N ALA A 65 15.76 0.55 -8.06
CA ALA A 65 17.09 0.50 -7.45
C ALA A 65 17.12 -0.43 -6.24
N VAL A 66 16.02 -0.51 -5.49
CA VAL A 66 15.92 -1.44 -4.37
C VAL A 66 15.91 -2.87 -4.87
N VAL A 67 15.09 -3.12 -5.89
CA VAL A 67 15.01 -4.44 -6.52
C VAL A 67 16.38 -4.85 -7.05
N ASP A 68 17.07 -3.93 -7.73
CA ASP A 68 18.39 -4.26 -8.29
C ASP A 68 19.43 -4.49 -7.19
N ALA A 69 19.23 -3.90 -6.02
CA ALA A 69 20.06 -4.14 -4.85
C ALA A 69 19.78 -5.49 -4.21
N GLY A 70 18.87 -6.28 -4.77
CA GLY A 70 18.63 -7.63 -4.29
C GLY A 70 17.43 -7.79 -3.39
N VAL A 71 16.59 -6.77 -3.25
CA VAL A 71 15.45 -6.80 -2.35
C VAL A 71 14.18 -6.92 -3.20
N PRO A 72 13.52 -8.08 -3.23
CA PRO A 72 12.27 -8.17 -4.00
C PRO A 72 11.20 -7.26 -3.40
N CYS A 73 10.49 -6.56 -4.27
CA CYS A 73 9.43 -5.65 -3.87
C CYS A 73 8.11 -6.11 -4.45
N TYR A 74 7.06 -6.05 -3.64
CA TYR A 74 5.74 -6.57 -3.99
C TYR A 74 4.70 -5.49 -3.74
N PHE A 75 3.62 -5.57 -4.50
CA PHE A 75 2.57 -4.55 -4.43
C PHE A 75 1.21 -5.22 -4.42
N ILE A 76 0.38 -4.85 -3.46
CA ILE A 76 -1.05 -5.15 -3.47
C ILE A 76 -1.77 -3.83 -3.70
N HIS A 77 -2.79 -3.85 -4.57
CA HIS A 77 -3.49 -2.62 -4.91
C HIS A 77 -4.27 -2.06 -3.73
N GLY A 78 -4.36 -0.73 -3.67
CA GLY A 78 -5.24 -0.06 -2.74
C GLY A 78 -6.50 0.42 -3.43
N ASN A 79 -7.34 1.09 -2.65
CA ASN A 79 -8.55 1.70 -3.22
C ASN A 79 -8.22 2.88 -4.12
N ARG A 80 -7.08 3.54 -3.91
CA ARG A 80 -6.73 4.69 -4.75
C ARG A 80 -6.00 4.27 -6.02
N ASP A 81 -5.18 3.23 -5.96
CA ASP A 81 -4.29 2.91 -7.07
C ASP A 81 -4.53 1.52 -7.63
N PHE A 82 -5.80 1.10 -7.69
CA PHE A 82 -6.15 -0.20 -8.23
C PHE A 82 -5.85 -0.34 -9.73
N LEU A 83 -5.62 0.75 -10.45
CA LEU A 83 -5.28 0.64 -11.87
C LEU A 83 -3.80 0.47 -12.14
N VAL A 84 -2.95 0.42 -11.11
CA VAL A 84 -1.54 0.14 -11.32
C VAL A 84 -1.40 -1.20 -12.03
N GLY A 85 -0.68 -1.21 -13.16
CA GLY A 85 -0.64 -2.42 -13.96
C GLY A 85 0.74 -2.97 -14.27
N GLN A 86 0.82 -3.90 -15.22
CA GLN A 86 2.08 -4.62 -15.43
C GLN A 86 3.13 -3.74 -16.07
N ARG A 87 2.75 -2.69 -16.80
CA ARG A 87 3.76 -1.79 -17.34
C ARG A 87 4.49 -1.09 -16.20
N PHE A 88 3.75 -0.58 -15.21
CA PHE A 88 4.42 0.03 -14.07
C PHE A 88 5.19 -1.02 -13.27
N ALA A 89 4.64 -2.24 -13.17
CA ALA A 89 5.38 -3.30 -12.50
C ALA A 89 6.72 -3.53 -13.16
N ARG A 90 6.77 -3.53 -14.50
CA ARG A 90 8.04 -3.70 -15.20
C ARG A 90 8.96 -2.50 -14.99
N GLN A 91 8.41 -1.29 -15.01
CA GLN A 91 9.24 -0.10 -14.85
C GLN A 91 9.86 -0.05 -13.46
N SER A 92 9.13 -0.52 -12.46
CA SER A 92 9.59 -0.42 -11.09
C SER A 92 10.28 -1.68 -10.59
N GLY A 93 10.20 -2.78 -11.34
CA GLY A 93 10.69 -4.05 -10.84
C GLY A 93 9.82 -4.70 -9.80
N MET A 94 8.64 -4.15 -9.50
CA MET A 94 7.78 -4.75 -8.49
C MET A 94 6.98 -5.90 -9.06
N ILE A 95 6.59 -6.80 -8.18
CA ILE A 95 5.71 -7.91 -8.51
C ILE A 95 4.31 -7.59 -7.99
N LEU A 96 3.32 -7.68 -8.88
CA LEU A 96 1.94 -7.41 -8.48
C LEU A 96 1.36 -8.66 -7.85
N LEU A 97 0.76 -8.50 -6.67
CA LEU A 97 0.15 -9.61 -5.96
C LEU A 97 -1.37 -9.48 -5.96
N ALA A 98 -2.02 -10.56 -5.53
CA ALA A 98 -3.47 -10.58 -5.47
C ALA A 98 -3.97 -9.82 -4.23
N GLU A 99 -5.30 -9.68 -4.14
CA GLU A 99 -5.83 -8.82 -3.10
C GLU A 99 -5.66 -9.42 -1.70
N GLU A 100 -5.50 -10.73 -1.61
CA GLU A 100 -5.09 -11.42 -0.37
C GLU A 100 -3.94 -12.35 -0.69
N GLU A 101 -2.91 -12.32 0.15
CA GLU A 101 -1.77 -13.22 -0.02
C GLU A 101 -1.40 -13.76 1.34
N ARG A 102 -1.07 -15.05 1.39
CA ARG A 102 -0.56 -15.69 2.60
C ARG A 102 0.95 -15.84 2.44
N LEU A 103 1.71 -15.31 3.40
CA LEU A 103 3.17 -15.33 3.38
C LEU A 103 3.71 -16.22 4.48
N ASP A 104 4.85 -16.87 4.21
CA ASP A 104 5.65 -17.50 5.25
C ASP A 104 6.74 -16.52 5.66
N LEU A 105 6.60 -15.92 6.84
CA LEU A 105 7.58 -14.95 7.33
C LEU A 105 8.32 -15.62 8.48
N TYR A 106 9.48 -16.20 8.17
CA TYR A 106 10.34 -16.82 9.17
C TYR A 106 9.59 -17.90 9.94
N GLY A 107 8.71 -18.62 9.24
CA GLY A 107 7.96 -19.70 9.84
C GLY A 107 6.61 -19.30 10.38
N ARG A 108 6.29 -18.01 10.36
CA ARG A 108 5.01 -17.46 10.80
C ARG A 108 4.15 -17.24 9.57
N GLU A 109 2.98 -17.86 9.51
CA GLU A 109 2.05 -17.64 8.39
C GLU A 109 1.30 -16.33 8.60
N VAL A 110 1.36 -15.43 7.62
CA VAL A 110 0.81 -14.09 7.74
C VAL A 110 -0.04 -13.78 6.53
N LEU A 111 -1.26 -13.31 6.76
CA LEU A 111 -2.13 -12.83 5.69
C LEU A 111 -1.88 -11.34 5.49
N ILE A 112 -1.73 -10.92 4.23
CA ILE A 112 -1.57 -9.50 3.92
C ILE A 112 -2.65 -9.09 2.93
N MET A 113 -3.11 -7.85 3.06
CA MET A 113 -4.11 -7.28 2.16
C MET A 113 -4.10 -5.77 2.37
N HIS A 114 -4.71 -5.04 1.44
CA HIS A 114 -4.81 -3.60 1.66
C HIS A 114 -5.68 -3.28 2.86
N GLY A 115 -6.80 -3.97 3.00
CA GLY A 115 -7.69 -3.79 4.14
C GLY A 115 -9.06 -3.26 3.81
N ASP A 116 -9.25 -2.65 2.63
CA ASP A 116 -10.57 -2.07 2.35
C ASP A 116 -11.64 -3.13 2.25
N THR A 117 -11.28 -4.35 1.83
CA THR A 117 -12.30 -5.39 1.71
C THR A 117 -12.78 -5.92 3.05
N LEU A 118 -12.11 -5.54 4.14
CA LEU A 118 -12.57 -5.90 5.50
C LEU A 118 -13.61 -4.94 6.02
N CYS A 119 -13.79 -3.80 5.37
CA CYS A 119 -14.67 -2.74 5.86
C CYS A 119 -16.08 -2.95 5.32
N THR A 120 -16.65 -4.09 5.67
CA THR A 120 -17.89 -4.54 5.05
C THR A 120 -19.13 -3.81 5.58
N ASP A 121 -18.97 -2.94 6.57
CA ASP A 121 -20.06 -2.07 6.97
C ASP A 121 -20.28 -0.91 6.01
N ASP A 122 -19.28 -0.57 5.19
CA ASP A 122 -19.45 0.47 4.18
C ASP A 122 -19.96 -0.18 2.90
N GLN A 123 -21.27 -0.45 2.90
CA GLN A 123 -21.91 -1.11 1.76
C GLN A 123 -21.78 -0.28 0.49
N GLY A 124 -21.86 1.04 0.60
CA GLY A 124 -21.75 1.87 -0.58
C GLY A 124 -20.36 1.78 -1.22
N TYR A 125 -19.32 1.79 -0.39
CA TYR A 125 -17.98 1.64 -0.93
C TYR A 125 -17.80 0.30 -1.62
N LEU A 126 -18.29 -0.77 -1.00
CA LEU A 126 -18.07 -2.09 -1.58
C LEU A 126 -18.75 -2.23 -2.94
N ALA A 127 -19.86 -1.54 -3.13
CA ALA A 127 -20.50 -1.51 -4.44
C ALA A 127 -19.64 -0.76 -5.46
N PHE A 128 -19.16 0.43 -5.10
CA PHE A 128 -18.22 1.15 -5.95
C PHE A 128 -17.00 0.28 -6.26
N ARG A 129 -16.42 -0.34 -5.23
CA ARG A 129 -15.26 -1.20 -5.45
C ARG A 129 -15.56 -2.32 -6.44
N ALA A 130 -16.72 -2.97 -6.29
CA ALA A 130 -17.08 -4.04 -7.22
C ALA A 130 -17.12 -3.52 -8.66
N LYS A 131 -17.64 -2.30 -8.85
CA LYS A 131 -17.70 -1.72 -10.20
C LYS A 131 -16.29 -1.48 -10.75
N VAL A 132 -15.45 -0.75 -10.01
CA VAL A 132 -14.17 -0.37 -10.59
C VAL A 132 -13.17 -1.52 -10.65
N HIS A 133 -13.50 -2.66 -10.04
CA HIS A 133 -12.69 -3.86 -10.20
C HIS A 133 -13.26 -4.81 -11.25
N THR A 134 -14.34 -4.43 -11.92
CA THR A 134 -14.86 -5.25 -13.00
C THR A 134 -13.96 -5.09 -14.22
N PRO A 135 -13.43 -6.18 -14.78
CA PRO A 135 -12.41 -6.04 -15.83
C PRO A 135 -12.88 -5.29 -17.07
N TRP A 136 -14.11 -5.51 -17.52
CA TRP A 136 -14.53 -4.80 -18.73
C TRP A 136 -14.71 -3.32 -18.46
N ILE A 137 -15.05 -2.95 -17.22
CA ILE A 137 -15.14 -1.54 -16.89
C ILE A 137 -13.76 -0.89 -16.85
N GLN A 138 -12.78 -1.56 -16.22
CA GLN A 138 -11.42 -1.02 -16.25
C GLN A 138 -10.91 -0.87 -17.67
N ARG A 139 -11.17 -1.87 -18.52
CA ARG A 139 -10.70 -1.82 -19.89
C ARG A 139 -11.30 -0.63 -20.64
N LEU A 140 -12.57 -0.34 -20.40
N LEU A 140 -12.57 -0.33 -20.39
CA LEU A 140 -13.20 0.80 -21.07
CA LEU A 140 -13.18 0.80 -21.09
C LEU A 140 -12.61 2.11 -20.56
C LEU A 140 -12.63 2.13 -20.56
N PHE A 141 -12.41 2.23 -19.25
CA PHE A 141 -11.84 3.46 -18.71
C PHE A 141 -10.43 3.67 -19.24
N LEU A 142 -9.62 2.62 -19.24
CA LEU A 142 -8.25 2.73 -19.73
C LEU A 142 -8.20 3.05 -21.21
N ALA A 143 -9.26 2.74 -21.94
CA ALA A 143 -9.31 3.06 -23.35
C ALA A 143 -9.54 4.54 -23.60
N LEU A 144 -10.10 5.27 -22.63
CA LEU A 144 -10.38 6.68 -22.85
C LEU A 144 -9.07 7.44 -23.00
N PRO A 145 -9.10 8.58 -23.70
CA PRO A 145 -7.87 9.36 -23.84
C PRO A 145 -7.40 9.82 -22.47
N LEU A 146 -6.07 9.94 -22.33
N LEU A 146 -6.08 9.95 -22.35
CA LEU A 146 -5.49 10.33 -21.04
CA LEU A 146 -5.49 10.33 -21.07
C LEU A 146 -6.08 11.62 -20.51
C LEU A 146 -6.09 11.61 -20.52
N PHE A 147 -6.27 12.62 -21.38
CA PHE A 147 -6.80 13.89 -20.88
C PHE A 147 -8.23 13.73 -20.37
N ILE A 148 -9.01 12.82 -20.97
CA ILE A 148 -10.34 12.52 -20.44
C ILE A 148 -10.23 11.85 -19.08
N ARG A 149 -9.37 10.83 -18.96
CA ARG A 149 -9.22 10.16 -17.67
C ARG A 149 -8.78 11.14 -16.59
N HIS A 150 -7.86 12.05 -16.93
N HIS A 150 -7.89 12.07 -16.93
CA HIS A 150 -7.44 13.09 -16.00
CA HIS A 150 -7.46 13.06 -15.95
C HIS A 150 -8.64 13.89 -15.52
C HIS A 150 -8.61 13.95 -15.51
N ARG A 151 -9.48 14.33 -16.45
CA ARG A 151 -10.64 15.14 -16.09
C ARG A 151 -11.63 14.36 -15.22
N ILE A 152 -11.88 13.10 -15.57
CA ILE A 152 -12.74 12.25 -14.73
C ILE A 152 -12.18 12.16 -13.32
N ALA A 153 -10.89 11.89 -13.22
CA ALA A 153 -10.25 11.73 -11.91
C ALA A 153 -10.30 13.03 -11.10
N ALA A 154 -10.02 14.16 -11.75
CA ALA A 154 -10.05 15.43 -11.05
C ALA A 154 -11.46 15.74 -10.54
N ARG A 155 -12.48 15.44 -11.36
N ARG A 155 -12.47 15.44 -11.36
CA ARG A 155 -13.86 15.66 -10.95
CA ARG A 155 -13.86 15.66 -10.95
C ARG A 155 -14.24 14.77 -9.78
C ARG A 155 -14.23 14.76 -9.77
N MET A 156 -13.88 13.48 -9.84
CA MET A 156 -14.24 12.56 -8.78
C MET A 156 -13.54 12.90 -7.47
N ARG A 157 -12.23 13.18 -7.53
N ARG A 157 -12.23 13.17 -7.54
CA ARG A 157 -11.51 13.53 -6.31
CA ARG A 157 -11.49 13.54 -6.34
C ARG A 157 -12.07 14.79 -5.66
C ARG A 157 -12.07 14.78 -5.67
N ALA A 158 -12.67 15.68 -6.45
CA ALA A 158 -13.28 16.87 -5.88
C ALA A 158 -14.48 16.49 -5.00
N ASP A 159 -15.17 15.40 -5.34
CA ASP A 159 -16.29 14.93 -4.53
C ASP A 159 -15.83 14.49 -3.15
N GLU A 170 -13.64 10.78 7.04
CA GLU A 170 -13.33 9.67 7.94
C GLU A 170 -13.41 8.33 7.23
N ILE A 171 -12.40 7.50 7.43
CA ILE A 171 -12.33 6.18 6.82
C ILE A 171 -13.05 5.19 7.71
N MET A 172 -14.03 4.47 7.15
CA MET A 172 -14.72 3.44 7.90
C MET A 172 -13.74 2.34 8.30
N ASP A 173 -13.85 1.88 9.54
CA ASP A 173 -12.93 0.88 10.07
C ASP A 173 -13.38 -0.52 9.67
N VAL A 174 -12.56 -1.51 10.02
CA VAL A 174 -12.84 -2.89 9.61
C VAL A 174 -14.04 -3.44 10.38
N ASN A 175 -14.66 -4.46 9.80
CA ASN A 175 -15.69 -5.22 10.46
C ASN A 175 -15.05 -6.41 11.17
N PRO A 176 -15.22 -6.55 12.49
CA PRO A 176 -14.50 -7.62 13.21
C PRO A 176 -14.80 -9.01 12.70
N GLN A 177 -16.03 -9.28 12.25
CA GLN A 177 -16.36 -10.61 11.74
C GLN A 177 -15.68 -10.86 10.39
N ALA A 178 -15.55 -9.81 9.57
CA ALA A 178 -14.82 -9.97 8.31
C ALA A 178 -13.36 -10.34 8.57
N VAL A 179 -12.77 -9.77 9.63
CA VAL A 179 -11.39 -10.10 10.01
C VAL A 179 -11.27 -11.58 10.35
N VAL A 180 -12.18 -12.08 11.20
CA VAL A 180 -12.11 -13.47 11.60
C VAL A 180 -12.32 -14.38 10.39
N ASP A 181 -13.30 -14.04 9.54
CA ASP A 181 -13.55 -14.81 8.32
C ASP A 181 -12.28 -14.92 7.48
N ALA A 182 -11.61 -13.80 7.25
CA ALA A 182 -10.41 -13.81 6.43
C ALA A 182 -9.31 -14.66 7.06
N MET A 183 -9.08 -14.50 8.36
CA MET A 183 -7.99 -15.23 9.00
C MET A 183 -8.31 -16.70 9.15
N GLU A 184 -9.58 -17.07 9.15
CA GLU A 184 -9.94 -18.47 9.16
C GLU A 184 -9.97 -19.06 7.75
N ARG A 185 -10.39 -18.28 6.73
CA ARG A 185 -10.25 -18.75 5.36
C ARG A 185 -8.81 -19.10 5.04
N HIS A 186 -7.85 -18.31 5.54
CA HIS A 186 -6.44 -18.54 5.27
C HIS A 186 -5.73 -19.33 6.37
N HIS A 187 -6.43 -19.65 7.45
CA HIS A 187 -5.85 -20.36 8.60
C HIS A 187 -4.54 -19.71 9.07
N VAL A 188 -4.61 -18.41 9.34
CA VAL A 188 -3.45 -17.70 9.87
C VAL A 188 -3.80 -17.15 11.24
N GLN A 189 -2.76 -16.83 12.01
CA GLN A 189 -2.90 -16.13 13.27
C GLN A 189 -2.39 -14.71 13.20
N TRP A 190 -1.95 -14.26 12.01
CA TRP A 190 -1.37 -12.94 11.83
C TRP A 190 -1.92 -12.33 10.56
N LEU A 191 -2.34 -11.07 10.65
CA LEU A 191 -2.87 -10.33 9.52
C LEU A 191 -2.25 -8.95 9.54
N ILE A 192 -1.73 -8.50 8.40
CA ILE A 192 -1.20 -7.15 8.27
C ILE A 192 -1.98 -6.45 7.17
N HIS A 193 -2.44 -5.23 7.44
CA HIS A 193 -3.15 -4.48 6.42
C HIS A 193 -2.97 -2.99 6.69
N GLY A 194 -3.41 -2.19 5.73
CA GLY A 194 -3.44 -0.76 5.88
C GLY A 194 -4.85 -0.26 5.71
N HIS A 195 -5.00 0.75 4.85
CA HIS A 195 -6.29 1.36 4.48
C HIS A 195 -6.93 2.20 5.58
N THR A 196 -7.03 1.68 6.80
CA THR A 196 -7.84 2.37 7.80
C THR A 196 -7.12 3.52 8.48
N HIS A 197 -5.80 3.66 8.28
CA HIS A 197 -5.04 4.77 8.84
C HIS A 197 -5.07 4.80 10.37
N ARG A 198 -5.22 3.64 11.01
CA ARG A 198 -5.27 3.56 12.48
C ARG A 198 -4.20 2.56 12.89
N PRO A 199 -2.93 2.96 12.89
CA PRO A 199 -1.87 2.01 13.22
C PRO A 199 -2.02 1.47 14.63
N ALA A 200 -1.92 0.16 14.76
CA ALA A 200 -2.33 -0.50 15.99
C ALA A 200 -2.01 -1.97 15.83
N VAL A 201 -2.05 -2.67 16.97
CA VAL A 201 -1.96 -4.12 17.02
C VAL A 201 -3.16 -4.59 17.82
N HIS A 202 -3.98 -5.44 17.20
CA HIS A 202 -5.22 -5.92 17.80
C HIS A 202 -5.11 -7.41 18.07
N GLU A 203 -5.48 -7.83 19.29
CA GLU A 203 -5.56 -9.26 19.56
C GLU A 203 -7.00 -9.72 19.35
N LEU A 204 -7.14 -10.91 18.77
CA LEU A 204 -8.44 -11.52 18.58
C LEU A 204 -8.27 -13.03 18.71
N GLN A 205 -9.31 -13.77 18.32
CA GLN A 205 -9.24 -15.22 18.28
C GLN A 205 -9.61 -15.70 16.89
N ALA A 206 -8.76 -16.55 16.33
CA ALA A 206 -9.06 -17.14 15.04
C ALA A 206 -8.54 -18.57 15.06
N ASN A 207 -9.29 -19.47 14.43
CA ASN A 207 -8.87 -20.87 14.34
C ASN A 207 -8.65 -21.48 15.72
N GLY A 208 -9.38 -20.98 16.73
CA GLY A 208 -9.29 -21.50 18.06
C GLY A 208 -8.07 -21.10 18.85
N GLN A 209 -7.32 -20.10 18.39
CA GLN A 209 -6.08 -19.68 19.01
C GLN A 209 -6.00 -18.15 18.97
N PRO A 210 -5.18 -17.54 19.83
CA PRO A 210 -4.97 -16.09 19.74
C PRO A 210 -4.48 -15.72 18.35
N ALA A 211 -4.94 -14.56 17.88
CA ALA A 211 -4.54 -14.06 16.58
C ALA A 211 -4.37 -12.56 16.69
N TRP A 212 -3.61 -11.97 15.76
CA TRP A 212 -3.27 -10.56 15.84
C TRP A 212 -3.48 -9.90 14.49
N ARG A 213 -3.99 -8.67 14.54
CA ARG A 213 -4.21 -7.85 13.36
C ARG A 213 -3.36 -6.61 13.51
N VAL A 214 -2.38 -6.44 12.62
CA VAL A 214 -1.43 -5.35 12.69
C VAL A 214 -1.77 -4.37 11.59
N VAL A 215 -1.93 -3.10 11.94
CA VAL A 215 -2.45 -2.08 11.04
C VAL A 215 -1.37 -1.05 10.79
N LEU A 216 -1.08 -0.78 9.52
CA LEU A 216 -0.10 0.22 9.12
C LEU A 216 -0.66 1.64 9.25
N GLY A 217 0.25 2.60 9.42
CA GLY A 217 -0.16 3.99 9.40
C GLY A 217 -0.02 4.65 8.03
N ALA A 218 -0.81 5.69 7.81
CA ALA A 218 -0.63 6.51 6.63
C ALA A 218 0.56 7.43 6.85
N TRP A 219 1.19 7.84 5.75
CA TRP A 219 2.34 8.75 5.81
C TRP A 219 1.82 10.18 5.82
N HIS A 220 1.35 10.62 6.97
CA HIS A 220 0.72 11.94 7.00
C HIS A 220 1.74 13.01 7.38
N SER A 221 2.32 12.90 8.57
CA SER A 221 3.39 13.76 9.06
C SER A 221 4.69 13.00 9.31
N GLU A 222 4.61 11.69 9.51
CA GLU A 222 5.77 10.83 9.69
C GLU A 222 5.52 9.54 8.91
N GLY A 223 6.59 8.79 8.69
CA GLY A 223 6.45 7.51 8.03
C GLY A 223 6.07 6.42 9.01
N SER A 224 5.56 5.33 8.46
CA SER A 224 5.14 4.18 9.25
C SER A 224 5.51 2.93 8.49
N MET A 225 6.00 1.93 9.21
CA MET A 225 6.25 0.64 8.58
C MET A 225 6.01 -0.47 9.61
N VAL A 226 5.75 -1.66 9.12
CA VAL A 226 5.79 -2.85 9.96
C VAL A 226 7.01 -3.65 9.55
N LYS A 227 7.77 -4.12 10.54
N LYS A 227 7.81 -4.02 10.54
CA LYS A 227 8.99 -4.87 10.29
CA LYS A 227 8.95 -4.89 10.34
C LYS A 227 8.87 -6.21 11.02
C LYS A 227 8.62 -6.23 10.99
N VAL A 228 8.80 -7.31 10.25
CA VAL A 228 8.63 -8.65 10.78
C VAL A 228 10.00 -9.29 10.80
N THR A 229 10.41 -9.81 11.98
CA THR A 229 11.68 -10.51 12.08
C THR A 229 11.41 -11.94 12.52
N PRO A 230 12.42 -12.81 12.56
CA PRO A 230 12.21 -14.14 13.18
C PRO A 230 11.74 -14.04 14.62
N ASP A 231 12.04 -12.93 15.30
CA ASP A 231 11.82 -12.83 16.74
C ASP A 231 10.61 -12.01 17.12
N ASP A 232 10.13 -11.11 16.27
CA ASP A 232 9.06 -10.23 16.71
C ASP A 232 8.40 -9.54 15.51
N VAL A 233 7.37 -8.77 15.81
CA VAL A 233 6.68 -7.92 14.83
C VAL A 233 6.72 -6.51 15.38
N GLU A 234 7.14 -5.56 14.55
CA GLU A 234 7.42 -4.21 14.99
C GLU A 234 6.65 -3.20 14.16
N LEU A 235 5.94 -2.29 14.82
CA LEU A 235 5.26 -1.19 14.17
C LEU A 235 6.08 0.06 14.47
N ILE A 236 6.59 0.69 13.42
CA ILE A 236 7.68 1.66 13.57
C ILE A 236 7.27 2.97 12.93
N HIS A 237 7.44 4.06 13.68
CA HIS A 237 7.17 5.38 13.14
C HIS A 237 8.47 6.17 13.11
N PHE A 238 8.68 6.88 12.02
CA PHE A 238 9.99 7.51 11.80
C PHE A 238 9.78 8.78 11.01
N PRO A 239 10.70 9.73 11.11
CA PRO A 239 10.54 10.98 10.37
C PRO A 239 10.81 10.80 8.89
N PHE A 240 10.14 11.62 8.07
CA PHE A 240 10.37 11.60 6.62
C PHE A 240 11.82 11.90 6.30
N LEU A 241 12.38 12.96 6.89
CA LEU A 241 13.68 13.45 6.50
C LEU A 241 14.67 13.34 7.66
N GLU A 242 15.95 13.45 7.32
CA GLU A 242 17.00 13.43 8.33
C GLU A 242 16.83 14.62 9.26
N GLU A 243 16.52 14.34 10.53
CA GLU A 243 16.28 15.37 11.54
C GLU A 243 17.60 15.70 12.22
N ASN A 244 18.33 16.65 11.66
CA ASN A 244 19.64 17.01 12.19
C ASN A 244 19.50 17.69 13.53
N LEU A 245 20.11 17.10 14.55
CA LEU A 245 20.12 17.71 15.87
C LEU A 245 20.93 19.00 15.85
N TYR A 246 20.60 19.87 16.78
CA TYR A 246 21.42 21.04 17.06
C TYR A 246 21.03 21.49 18.45
N PHE A 247 21.77 22.43 18.97
CA PHE A 247 21.74 22.72 20.39
C PHE A 247 21.38 24.18 20.62
N GLN A 248 20.67 24.44 21.72
CA GLN A 248 20.31 25.79 22.16
C GLN A 248 20.79 25.95 23.58
N SER A 249 21.59 26.99 23.84
CA SER A 249 22.14 27.14 25.19
C SER A 249 21.04 27.25 26.26
#